data_8VS0
#
_entry.id   8VS0
#
_cell.length_a   53.460
_cell.length_b   71.330
_cell.length_c   107.800
_cell.angle_alpha   90.000
_cell.angle_beta   90.000
_cell.angle_gamma   90.000
#
_symmetry.space_group_name_H-M   'P 21 21 21'
#
loop_
_entity.id
_entity.type
_entity.pdbx_description
1 polymer 'Mitogen-activated protein kinase 10'
2 non-polymer (4P)-4-[6-fluoro-5-(2-methoxyanilino)-1H-indazol-1-yl]-5-methyl-N-(oxetan-3-yl)thiophene-2-carboxamide
3 water water
#
_entity_poly.entity_id   1
_entity_poly.type   'polypeptide(L)'
_entity_poly.pdbx_seq_one_letter_code
;MSLHFLYYCSEPTLDVKIAFCQGFDKQVDVSYIAKHYNMSKSKVDNQFYSVEVGDSTFTVLKRYQNLKPIGSGAQGIVCA
AYDAVLDRNVAIKKLSRPFQNQTHAKRAYRELVLMKCVNHKNIISLLNVFTPQKTLEEFQDVYLVMELMDANLCQVIQME
LDHERMSYLLYQMLCGIKHLHSAGIIHRDLKPSNIVVKSDCTLKILDFGLARTAGTSFMMTPYVVTRYYRAPEVILGMGY
KENVDIWSVGCIMGEMVRHKILFPGRDYIDQWNKVIEQLGTPCPEFMKKLQPTVRNYVENRPKYAGLTFPKLFPDSLFPA
DSEHNKLKASQARDLLSKMLVIDPAKRISVDDALQHPYINVWYDPAEVEAPPPQIYDKQLDEREHTIEEWKELIYKEVMN
SEEKTKNGVVKGQPSPSGAAVNSSESLPPSSSVNDISSMSTDQTLASDTDSSLEASAGPLGCCR
;
_entity_poly.pdbx_strand_id   A
#
# COMPACT_ATOMS: atom_id res chain seq x y z
N ASP A 45 -37.51 -11.24 7.25
CA ASP A 45 -38.17 -10.42 6.23
C ASP A 45 -37.23 -9.32 5.74
N ASN A 46 -36.30 -8.90 6.61
CA ASN A 46 -35.31 -7.92 6.22
C ASN A 46 -34.26 -8.57 5.31
N GLN A 47 -33.44 -7.73 4.68
CA GLN A 47 -32.45 -8.20 3.73
C GLN A 47 -31.12 -8.57 4.38
N PHE A 48 -31.04 -8.58 5.70
CA PHE A 48 -29.79 -8.81 6.41
C PHE A 48 -29.91 -10.03 7.33
N TYR A 49 -28.74 -10.54 7.73
CA TYR A 49 -28.65 -11.64 8.68
C TYR A 49 -27.27 -11.62 9.32
N SER A 50 -27.16 -12.26 10.48
CA SER A 50 -25.98 -12.17 11.33
C SER A 50 -25.25 -13.50 11.41
N VAL A 51 -23.91 -13.44 11.38
CA VAL A 51 -23.05 -14.59 11.60
C VAL A 51 -21.87 -14.18 12.47
N GLU A 52 -21.18 -15.18 13.02
CA GLU A 52 -20.03 -14.97 13.91
C GLU A 52 -18.78 -15.47 13.22
N VAL A 53 -17.93 -14.56 12.78
CA VAL A 53 -16.63 -14.89 12.20
C VAL A 53 -15.57 -14.45 13.21
N GLY A 54 -14.83 -15.41 13.74
CA GLY A 54 -14.02 -15.09 14.90
C GLY A 54 -14.92 -14.68 16.05
N ASP A 55 -14.43 -13.73 16.85
CA ASP A 55 -15.27 -13.11 17.87
C ASP A 55 -15.95 -11.84 17.36
N SER A 56 -16.01 -11.66 16.04
CA SER A 56 -16.67 -10.53 15.42
C SER A 56 -18.00 -10.97 14.82
N THR A 57 -18.96 -10.04 14.80
CA THR A 57 -20.30 -10.31 14.30
C THR A 57 -20.49 -9.59 12.97
N PHE A 58 -20.81 -10.35 11.93
CA PHE A 58 -21.03 -9.82 10.59
C PHE A 58 -22.52 -9.82 10.29
N THR A 59 -23.10 -8.63 10.21
CA THR A 59 -24.48 -8.46 9.76
C THR A 59 -24.42 -8.00 8.30
N VAL A 60 -24.69 -8.92 7.39
CA VAL A 60 -24.51 -8.67 5.96
C VAL A 60 -25.79 -9.03 5.22
N LEU A 61 -25.89 -8.50 4.00
CA LEU A 61 -27.04 -8.76 3.14
C LEU A 61 -27.15 -10.24 2.82
N LYS A 62 -28.39 -10.69 2.60
CA LYS A 62 -28.67 -12.09 2.36
C LYS A 62 -28.07 -12.60 1.04
N ARG A 63 -27.46 -11.75 0.22
CA ARG A 63 -26.87 -12.22 -1.02
C ARG A 63 -25.49 -12.84 -0.80
N TYR A 64 -24.85 -12.56 0.33
CA TYR A 64 -23.52 -13.06 0.63
C TYR A 64 -23.64 -14.26 1.56
N GLN A 65 -23.10 -15.40 1.12
CA GLN A 65 -23.22 -16.67 1.82
C GLN A 65 -21.85 -17.26 2.12
N ASN A 66 -21.82 -18.16 3.10
CA ASN A 66 -20.65 -18.96 3.45
C ASN A 66 -19.46 -18.06 3.81
N LEU A 67 -19.62 -17.31 4.90
CA LEU A 67 -18.58 -16.38 5.34
C LEU A 67 -17.49 -17.12 6.11
N LYS A 68 -16.23 -16.86 5.75
CA LYS A 68 -15.07 -17.45 6.39
C LYS A 68 -13.97 -16.40 6.48
N PRO A 69 -13.15 -16.45 7.53
CA PRO A 69 -12.08 -15.47 7.66
C PRO A 69 -10.94 -15.77 6.70
N ILE A 70 -10.18 -14.71 6.37
CA ILE A 70 -9.08 -14.83 5.44
C ILE A 70 -7.80 -14.25 6.03
N GLY A 71 -7.65 -12.92 5.95
CA GLY A 71 -6.44 -12.28 6.43
C GLY A 71 -6.71 -11.06 7.29
N SER A 72 -5.71 -10.19 7.42
CA SER A 72 -5.84 -8.97 8.24
C SER A 72 -6.41 -7.83 7.40
N GLY A 73 -5.64 -7.34 6.43
CA GLY A 73 -6.15 -6.38 5.47
C GLY A 73 -6.52 -5.01 6.00
N ALA A 74 -5.96 -4.62 7.15
CA ALA A 74 -6.04 -3.25 7.67
C ALA A 74 -7.43 -2.83 8.15
N GLN A 75 -7.47 -2.03 9.21
CA GLN A 75 -8.65 -1.29 9.65
C GLN A 75 -9.82 -2.19 10.03
N GLY A 76 -9.59 -3.44 10.35
CA GLY A 76 -10.68 -4.25 10.85
C GLY A 76 -10.54 -5.71 10.44
N ILE A 77 -11.68 -6.36 10.30
CA ILE A 77 -11.77 -7.79 10.05
C ILE A 77 -12.42 -8.02 8.69
N VAL A 78 -11.88 -8.98 7.94
CA VAL A 78 -12.28 -9.21 6.56
C VAL A 78 -12.74 -10.65 6.40
N CYS A 79 -13.69 -10.85 5.49
CA CYS A 79 -14.30 -12.15 5.26
C CYS A 79 -14.32 -12.47 3.77
N ALA A 80 -14.24 -13.76 3.47
CA ALA A 80 -14.56 -14.27 2.15
C ALA A 80 -16.00 -14.75 2.14
N ALA A 81 -16.66 -14.60 1.00
CA ALA A 81 -18.06 -15.01 0.88
C ALA A 81 -18.42 -15.23 -0.57
N TYR A 82 -19.52 -15.95 -0.77
CA TYR A 82 -20.11 -16.15 -2.10
C TYR A 82 -21.25 -15.15 -2.28
N ASP A 83 -21.28 -14.48 -3.42
CA ASP A 83 -22.33 -13.53 -3.77
C ASP A 83 -23.29 -14.22 -4.72
N ALA A 84 -24.51 -14.49 -4.24
CA ALA A 84 -25.49 -15.23 -5.03
C ALA A 84 -26.07 -14.41 -6.16
N VAL A 85 -26.01 -13.07 -6.08
CA VAL A 85 -26.55 -12.23 -7.13
C VAL A 85 -25.59 -12.14 -8.31
N LEU A 86 -24.30 -11.97 -8.02
CA LEU A 86 -23.29 -11.88 -9.06
C LEU A 86 -22.69 -13.22 -9.44
N ASP A 87 -22.97 -14.28 -8.67
CA ASP A 87 -22.42 -15.61 -8.93
C ASP A 87 -20.89 -15.58 -8.97
N ARG A 88 -20.30 -15.03 -7.90
CA ARG A 88 -18.85 -14.96 -7.79
C ARG A 88 -18.50 -14.81 -6.31
N ASN A 89 -17.21 -14.96 -6.00
CA ASN A 89 -16.72 -14.83 -4.64
C ASN A 89 -16.21 -13.41 -4.39
N VAL A 90 -16.37 -12.96 -3.15
CA VAL A 90 -16.11 -11.58 -2.77
C VAL A 90 -15.39 -11.54 -1.44
N ALA A 91 -14.82 -10.38 -1.13
CA ALA A 91 -14.25 -10.08 0.18
C ALA A 91 -15.05 -8.97 0.82
N ILE A 92 -15.38 -9.14 2.10
CA ILE A 92 -16.19 -8.18 2.84
C ILE A 92 -15.40 -7.73 4.06
N LYS A 93 -15.24 -6.42 4.20
CA LYS A 93 -14.54 -5.83 5.33
C LYS A 93 -15.54 -5.04 6.17
N LYS A 94 -15.47 -5.21 7.49
CA LYS A 94 -16.35 -4.52 8.42
C LYS A 94 -15.61 -3.36 9.06
N LEU A 95 -16.21 -2.17 9.00
CA LEU A 95 -15.70 -0.98 9.68
C LEU A 95 -16.59 -0.74 10.89
N SER A 96 -16.09 -1.13 12.07
CA SER A 96 -16.85 -1.00 13.30
C SER A 96 -16.72 0.42 13.84
N ARG A 97 -17.83 1.15 13.89
CA ARG A 97 -17.92 2.53 14.36
C ARG A 97 -16.73 3.37 13.85
N PRO A 98 -16.61 3.55 12.53
CA PRO A 98 -15.45 4.28 12.00
C PRO A 98 -15.38 5.72 12.49
N PHE A 99 -16.49 6.29 12.94
CA PHE A 99 -16.54 7.66 13.43
C PHE A 99 -16.13 7.78 14.90
N GLN A 100 -15.62 6.70 15.51
CA GLN A 100 -15.35 6.71 16.94
C GLN A 100 -14.23 7.67 17.34
N ASN A 101 -13.35 8.03 16.40
CA ASN A 101 -12.32 9.03 16.68
C ASN A 101 -11.86 9.61 15.35
N GLN A 102 -11.08 10.69 15.44
CA GLN A 102 -10.65 11.41 14.26
C GLN A 102 -9.82 10.53 13.32
N THR A 103 -8.85 9.81 13.88
CA THR A 103 -7.98 8.98 13.05
C THR A 103 -8.79 7.94 12.28
N HIS A 104 -9.68 7.22 12.97
CA HIS A 104 -10.54 6.26 12.27
C HIS A 104 -11.43 6.96 11.26
N ALA A 105 -12.00 8.12 11.63
CA ALA A 105 -13.02 8.75 10.80
C ALA A 105 -12.43 9.43 9.59
N LYS A 106 -11.37 10.21 9.78
CA LYS A 106 -10.74 10.89 8.66
C LYS A 106 -10.30 9.90 7.59
N ARG A 107 -9.75 8.77 8.01
CA ARG A 107 -9.33 7.76 7.04
C ARG A 107 -10.53 7.09 6.37
N ALA A 108 -11.53 6.71 7.17
CA ALA A 108 -12.69 6.01 6.62
C ALA A 108 -13.41 6.87 5.59
N TYR A 109 -13.70 8.13 5.94
CA TYR A 109 -14.33 9.03 4.98
C TYR A 109 -13.44 9.22 3.75
N ARG A 110 -12.12 9.31 3.96
CA ARG A 110 -11.21 9.48 2.84
C ARG A 110 -11.22 8.26 1.93
N GLU A 111 -11.25 7.06 2.51
CA GLU A 111 -11.33 5.85 1.69
C GLU A 111 -12.64 5.81 0.91
N LEU A 112 -13.75 5.94 1.63
CA LEU A 112 -15.07 5.80 1.01
C LEU A 112 -15.26 6.79 -0.13
N VAL A 113 -14.74 8.01 0.04
CA VAL A 113 -14.84 9.01 -1.02
C VAL A 113 -13.95 8.64 -2.20
N LEU A 114 -12.69 8.31 -1.93
CA LEU A 114 -11.69 8.13 -2.97
C LEU A 114 -11.91 6.88 -3.80
N MET A 115 -12.78 5.95 -3.38
CA MET A 115 -12.91 4.71 -4.14
C MET A 115 -13.84 4.90 -5.34
N LYS A 116 -14.84 5.76 -5.22
CA LYS A 116 -15.62 6.13 -6.40
C LYS A 116 -14.94 7.32 -7.07
N CYS A 117 -13.63 7.42 -6.89
CA CYS A 117 -12.82 8.46 -7.47
C CYS A 117 -11.68 7.93 -8.34
N VAL A 118 -11.38 6.63 -8.25
CA VAL A 118 -10.36 6.00 -9.09
C VAL A 118 -11.02 4.90 -9.90
N ASN A 119 -10.41 4.58 -11.06
CA ASN A 119 -10.92 3.51 -11.91
C ASN A 119 -9.73 2.93 -12.68
N HIS A 120 -9.12 1.90 -12.10
CA HIS A 120 -7.96 1.26 -12.68
C HIS A 120 -7.89 -0.17 -12.16
N LYS A 121 -7.46 -1.10 -13.01
CA LYS A 121 -7.53 -2.52 -12.67
C LYS A 121 -6.52 -2.93 -11.60
N ASN A 122 -5.60 -2.05 -11.23
CA ASN A 122 -4.64 -2.34 -10.16
C ASN A 122 -4.93 -1.56 -8.90
N ILE A 123 -6.04 -0.83 -8.85
CA ILE A 123 -6.50 -0.17 -7.64
C ILE A 123 -7.83 -0.78 -7.26
N ILE A 124 -8.04 -0.94 -5.95
CA ILE A 124 -9.30 -1.42 -5.38
C ILE A 124 -10.51 -0.79 -6.04
N SER A 125 -11.48 -1.63 -6.39
CA SER A 125 -12.81 -1.20 -6.81
C SER A 125 -13.83 -1.89 -5.92
N LEU A 126 -14.78 -1.12 -5.40
CA LEU A 126 -15.82 -1.66 -4.54
C LEU A 126 -16.97 -2.20 -5.36
N LEU A 127 -17.36 -3.44 -5.08
CA LEU A 127 -18.57 -3.97 -5.68
C LEU A 127 -19.82 -3.48 -4.95
N ASN A 128 -19.69 -3.13 -3.68
CA ASN A 128 -20.86 -2.77 -2.89
C ASN A 128 -20.39 -2.11 -1.60
N VAL A 129 -21.24 -1.22 -1.08
CA VAL A 129 -21.06 -0.59 0.22
C VAL A 129 -22.42 -0.55 0.91
N PHE A 130 -22.48 -1.02 2.15
CA PHE A 130 -23.77 -1.06 2.82
C PHE A 130 -23.59 -0.98 4.32
N THR A 131 -24.66 -0.56 5.00
CA THR A 131 -24.79 -0.65 6.43
C THR A 131 -26.13 -1.31 6.77
N PRO A 132 -26.14 -2.24 7.72
CA PRO A 132 -27.43 -2.87 8.07
C PRO A 132 -28.35 -1.96 8.86
N GLN A 133 -27.83 -0.90 9.44
CA GLN A 133 -28.64 0.00 10.25
C GLN A 133 -29.50 0.89 9.35
N LYS A 134 -30.67 1.28 9.86
CA LYS A 134 -31.67 1.93 9.04
C LYS A 134 -31.55 3.46 9.03
N THR A 135 -31.12 4.07 10.12
CA THR A 135 -31.11 5.52 10.24
C THR A 135 -29.74 6.01 10.66
N LEU A 136 -29.55 7.33 10.58
CA LEU A 136 -28.35 7.95 11.11
C LEU A 136 -28.23 7.70 12.61
N GLU A 137 -29.36 7.73 13.32
CA GLU A 137 -29.33 7.61 14.77
C GLU A 137 -28.74 6.28 15.21
N GLU A 138 -29.21 5.19 14.61
CA GLU A 138 -28.75 3.85 14.96
C GLU A 138 -27.50 3.44 14.20
N PHE A 139 -26.97 4.31 13.33
CA PHE A 139 -25.85 3.96 12.47
C PHE A 139 -24.65 3.50 13.29
N GLN A 140 -24.04 2.39 12.87
CA GLN A 140 -22.95 1.78 13.62
C GLN A 140 -21.80 1.32 12.73
N ASP A 141 -22.10 0.50 11.73
CA ASP A 141 -21.06 -0.21 10.99
C ASP A 141 -21.21 -0.01 9.49
N VAL A 142 -20.07 -0.03 8.80
CA VAL A 142 -20.00 0.07 7.35
C VAL A 142 -19.33 -1.20 6.82
N TYR A 143 -19.87 -1.75 5.74
CA TYR A 143 -19.33 -2.96 5.15
C TYR A 143 -18.90 -2.67 3.71
N LEU A 144 -17.67 -3.05 3.39
CA LEU A 144 -17.09 -2.85 2.08
C LEU A 144 -16.90 -4.20 1.40
N VAL A 145 -17.41 -4.33 0.17
CA VAL A 145 -17.37 -5.57 -0.58
C VAL A 145 -16.50 -5.38 -1.81
N MET A 146 -15.61 -6.35 -2.07
CA MET A 146 -14.69 -6.29 -3.19
C MET A 146 -14.48 -7.69 -3.73
N GLU A 147 -13.88 -7.78 -4.92
CA GLU A 147 -13.49 -9.07 -5.50
C GLU A 147 -12.56 -9.85 -4.56
N LEU A 148 -12.78 -11.16 -4.48
CA LEU A 148 -11.95 -12.00 -3.63
C LEU A 148 -10.66 -12.35 -4.35
N MET A 149 -9.53 -11.94 -3.79
CA MET A 149 -8.22 -12.31 -4.28
C MET A 149 -7.75 -13.56 -3.55
N ASP A 150 -6.46 -13.87 -3.66
CA ASP A 150 -5.94 -15.11 -3.11
C ASP A 150 -4.94 -14.94 -1.99
N ALA A 151 -4.16 -13.85 -1.97
CA ALA A 151 -3.07 -13.75 -1.01
C ALA A 151 -2.61 -12.31 -0.85
N ASN A 152 -1.98 -12.06 0.29
CA ASN A 152 -1.19 -10.85 0.54
C ASN A 152 0.04 -10.81 -0.37
N LEU A 153 0.64 -9.62 -0.47
CA LEU A 153 1.99 -9.54 -1.02
C LEU A 153 3.03 -10.04 -0.02
N CYS A 154 2.73 -10.02 1.28
CA CYS A 154 3.63 -10.59 2.27
C CYS A 154 3.89 -12.07 2.01
N GLN A 155 2.83 -12.81 1.69
CA GLN A 155 2.99 -14.24 1.41
C GLN A 155 3.78 -14.47 0.13
N VAL A 156 3.53 -13.65 -0.89
CA VAL A 156 4.27 -13.77 -2.14
C VAL A 156 5.75 -13.46 -1.93
N ILE A 157 6.05 -12.55 -1.00
CA ILE A 157 7.43 -12.19 -0.72
C ILE A 157 8.20 -13.39 -0.16
N GLN A 158 7.54 -14.19 0.69
CA GLN A 158 8.18 -15.38 1.22
C GLN A 158 8.52 -16.39 0.13
N MET A 159 7.83 -16.34 -1.01
CA MET A 159 8.07 -17.30 -2.08
C MET A 159 9.33 -16.95 -2.85
N GLU A 160 9.82 -17.91 -3.61
CA GLU A 160 10.95 -17.72 -4.50
C GLU A 160 10.40 -17.56 -5.92
N LEU A 161 10.48 -16.34 -6.45
CA LEU A 161 9.79 -15.97 -7.68
C LEU A 161 10.75 -15.89 -8.86
N ASP A 162 10.20 -16.12 -10.05
CA ASP A 162 10.95 -15.94 -11.27
C ASP A 162 10.91 -14.48 -11.70
N HIS A 163 11.83 -14.12 -12.61
CA HIS A 163 11.93 -12.75 -13.08
C HIS A 163 10.65 -12.30 -13.79
N GLU A 164 10.01 -13.22 -14.52
CA GLU A 164 8.83 -12.87 -15.30
C GLU A 164 7.69 -12.42 -14.39
N ARG A 165 7.46 -13.16 -13.31
CA ARG A 165 6.37 -12.81 -12.42
C ARG A 165 6.77 -11.69 -11.46
N MET A 166 8.04 -11.64 -11.09
CA MET A 166 8.55 -10.54 -10.28
C MET A 166 8.32 -9.20 -10.96
N SER A 167 8.79 -9.05 -12.21
CA SER A 167 8.68 -7.78 -12.90
C SER A 167 7.24 -7.44 -13.24
N TYR A 168 6.39 -8.44 -13.45
CA TYR A 168 4.99 -8.17 -13.75
C TYR A 168 4.26 -7.60 -12.53
N LEU A 169 4.60 -8.09 -11.33
CA LEU A 169 4.03 -7.51 -10.12
C LEU A 169 4.47 -6.06 -9.95
N LEU A 170 5.76 -5.79 -10.14
CA LEU A 170 6.26 -4.42 -10.02
C LEU A 170 5.69 -3.54 -11.13
N TYR A 171 5.50 -4.09 -12.31
CA TYR A 171 4.83 -3.35 -13.38
C TYR A 171 3.42 -2.93 -12.95
N GLN A 172 2.64 -3.88 -12.43
CA GLN A 172 1.29 -3.55 -12.00
C GLN A 172 1.30 -2.58 -10.82
N MET A 173 2.31 -2.68 -9.96
CA MET A 173 2.42 -1.73 -8.85
C MET A 173 2.68 -0.32 -9.35
N LEU A 174 3.57 -0.19 -10.35
CA LEU A 174 3.89 1.12 -10.89
C LEU A 174 2.71 1.72 -11.64
N CYS A 175 1.93 0.89 -12.34
CA CYS A 175 0.75 1.40 -13.05
C CYS A 175 -0.27 1.94 -12.06
N GLY A 176 -0.56 1.17 -11.00
CA GLY A 176 -1.51 1.64 -10.01
C GLY A 176 -1.06 2.92 -9.33
N ILE A 177 0.23 3.03 -9.04
CA ILE A 177 0.75 4.25 -8.43
C ILE A 177 0.68 5.41 -9.41
N LYS A 178 1.06 5.17 -10.67
CA LYS A 178 0.92 6.20 -11.69
C LYS A 178 -0.51 6.71 -11.77
N HIS A 179 -1.48 5.79 -11.79
CA HIS A 179 -2.88 6.18 -11.81
C HIS A 179 -3.23 7.09 -10.63
N LEU A 180 -2.83 6.68 -9.43
CA LEU A 180 -3.10 7.50 -8.24
C LEU A 180 -2.45 8.87 -8.33
N HIS A 181 -1.20 8.92 -8.77
CA HIS A 181 -0.53 10.22 -8.95
C HIS A 181 -1.27 11.08 -9.96
N SER A 182 -1.65 10.48 -11.09
CA SER A 182 -2.40 11.22 -12.11
C SER A 182 -3.74 11.72 -11.57
N ALA A 183 -4.30 11.03 -10.58
CA ALA A 183 -5.49 11.50 -9.89
C ALA A 183 -5.16 12.43 -8.74
N GLY A 184 -3.90 12.88 -8.63
CA GLY A 184 -3.52 13.75 -7.55
C GLY A 184 -3.51 13.08 -6.19
N ILE A 185 -3.16 11.80 -6.12
CA ILE A 185 -3.12 11.05 -4.87
C ILE A 185 -1.72 10.47 -4.72
N ILE A 186 -0.97 11.00 -3.77
CA ILE A 186 0.38 10.50 -3.46
C ILE A 186 0.27 9.67 -2.19
N HIS A 187 0.48 8.36 -2.31
CA HIS A 187 0.21 7.38 -1.28
C HIS A 187 0.97 7.64 0.02
N ARG A 188 2.29 7.46 -0.02
CA ARG A 188 3.26 7.67 1.07
C ARG A 188 3.29 6.54 2.09
N ASP A 189 2.56 5.45 1.89
CA ASP A 189 2.53 4.38 2.88
C ASP A 189 2.20 3.04 2.22
N LEU A 190 2.83 2.74 1.10
CA LEU A 190 2.65 1.44 0.48
C LEU A 190 3.39 0.38 1.28
N LYS A 191 2.72 -0.74 1.52
CA LYS A 191 3.32 -1.87 2.23
C LYS A 191 2.76 -3.15 1.65
N PRO A 192 3.49 -4.27 1.75
CA PRO A 192 2.99 -5.53 1.17
C PRO A 192 1.65 -5.97 1.74
N SER A 193 1.39 -5.70 3.01
CA SER A 193 0.16 -6.18 3.63
C SER A 193 -1.09 -5.56 3.02
N ASN A 194 -0.95 -4.42 2.33
CA ASN A 194 -2.08 -3.72 1.74
C ASN A 194 -2.17 -3.93 0.23
N ILE A 195 -1.45 -4.91 -0.30
CA ILE A 195 -1.48 -5.22 -1.72
C ILE A 195 -1.85 -6.70 -1.85
N VAL A 196 -2.91 -6.98 -2.59
CA VAL A 196 -3.44 -8.33 -2.71
C VAL A 196 -3.13 -8.85 -4.11
N VAL A 197 -2.98 -10.18 -4.21
CA VAL A 197 -2.56 -10.84 -5.43
C VAL A 197 -3.52 -11.98 -5.75
N LYS A 198 -3.66 -12.29 -7.03
CA LYS A 198 -4.40 -13.44 -7.50
C LYS A 198 -3.44 -14.46 -8.07
N SER A 199 -3.90 -15.70 -8.20
CA SER A 199 -3.03 -16.79 -8.63
C SER A 199 -2.47 -16.57 -10.03
N ASP A 200 -3.15 -15.79 -10.86
CA ASP A 200 -2.72 -15.52 -12.23
C ASP A 200 -1.81 -14.30 -12.34
N CYS A 201 -1.23 -13.83 -11.23
CA CYS A 201 -0.37 -12.65 -11.08
C CYS A 201 -1.09 -11.32 -10.93
N THR A 202 -2.40 -11.23 -11.06
CA THR A 202 -3.04 -9.93 -11.01
C THR A 202 -2.91 -9.34 -9.61
N LEU A 203 -2.73 -8.03 -9.55
CA LEU A 203 -2.35 -7.34 -8.33
C LEU A 203 -3.20 -6.09 -8.19
N LYS A 204 -3.61 -5.80 -6.95
CA LYS A 204 -4.38 -4.58 -6.68
C LYS A 204 -3.90 -3.97 -5.37
N ILE A 205 -3.95 -2.64 -5.33
CA ILE A 205 -3.64 -1.86 -4.13
C ILE A 205 -4.95 -1.55 -3.42
N LEU A 206 -4.89 -1.40 -2.08
CA LEU A 206 -6.09 -1.44 -1.26
C LEU A 206 -6.47 -0.15 -0.56
N ASP A 207 -5.53 0.78 -0.29
CA ASP A 207 -5.74 1.71 0.82
C ASP A 207 -5.52 3.21 0.57
N PHE A 208 -4.95 3.63 -0.56
CA PHE A 208 -4.80 5.06 -0.87
C PHE A 208 -3.86 5.86 0.04
N GLY A 209 -3.42 5.28 1.16
CA GLY A 209 -2.31 5.86 1.91
C GLY A 209 -2.68 6.95 2.89
N LEU A 210 -1.65 7.71 3.28
CA LEU A 210 -1.72 8.70 4.34
C LEU A 210 -2.46 9.96 3.89
N ALA A 211 -2.83 10.77 4.87
CA ALA A 211 -3.46 12.06 4.62
C ALA A 211 -2.54 13.19 5.08
N SER A 217 -2.52 12.55 15.34
CA SER A 217 -2.70 11.11 15.36
C SER A 217 -2.42 10.52 16.73
N PHE A 218 -3.22 9.51 17.10
CA PHE A 218 -3.05 8.75 18.33
C PHE A 218 -4.07 7.62 18.38
N MET A 219 -3.59 6.38 18.50
CA MET A 219 -4.46 5.22 18.53
C MET A 219 -4.54 4.65 19.93
N MET A 220 -5.62 3.88 20.17
CA MET A 220 -5.95 3.39 21.49
C MET A 220 -5.75 1.88 21.62
N THR A 221 -5.61 1.16 20.52
CA THR A 221 -5.64 -0.29 20.52
C THR A 221 -4.24 -0.87 20.62
N PRO A 222 -4.12 -2.19 20.81
CA PRO A 222 -2.80 -2.82 20.68
C PRO A 222 -2.49 -3.24 19.25
N TYR A 223 -2.82 -2.39 18.28
CA TYR A 223 -2.50 -2.62 16.88
C TYR A 223 -1.50 -1.56 16.44
N VAL A 224 -0.34 -2.01 15.97
CA VAL A 224 0.80 -1.16 15.67
C VAL A 224 0.92 -0.98 14.17
N VAL A 225 1.32 0.22 13.75
CA VAL A 225 1.50 0.53 12.33
C VAL A 225 2.89 0.09 11.88
N THR A 226 2.96 -0.42 10.65
CA THR A 226 4.23 -0.77 10.02
C THR A 226 4.81 0.46 9.33
N ARG A 227 6.12 0.66 9.50
CA ARG A 227 6.78 1.86 8.99
C ARG A 227 8.02 1.57 8.15
N TYR A 228 8.35 0.30 7.92
CA TYR A 228 9.62 -0.04 7.28
C TYR A 228 9.70 0.39 5.82
N TYR A 229 8.58 0.66 5.17
CA TYR A 229 8.56 0.94 3.74
C TYR A 229 8.41 2.43 3.42
N ARG A 230 8.47 3.29 4.44
CA ARG A 230 8.29 4.72 4.24
C ARG A 230 9.60 5.36 3.78
N ALA A 231 9.48 6.41 3.00
CA ALA A 231 10.63 7.05 2.40
C ALA A 231 11.33 7.99 3.38
N PRO A 232 12.62 8.28 3.17
CA PRO A 232 13.31 9.24 4.03
C PRO A 232 12.57 10.55 4.21
N GLU A 233 11.87 11.03 3.17
CA GLU A 233 11.04 12.22 3.32
C GLU A 233 10.04 12.05 4.45
N VAL A 234 9.42 10.88 4.54
CA VAL A 234 8.43 10.63 5.59
C VAL A 234 9.10 10.49 6.95
N ILE A 235 10.22 9.77 7.00
CA ILE A 235 10.94 9.58 8.26
C ILE A 235 11.42 10.90 8.82
N LEU A 236 11.80 11.84 7.96
CA LEU A 236 12.46 13.07 8.38
C LEU A 236 11.59 14.32 8.20
N GLY A 237 10.30 14.16 7.88
CA GLY A 237 9.40 15.28 7.71
C GLY A 237 9.90 16.35 6.76
N MET A 238 10.04 16.00 5.48
CA MET A 238 10.80 16.81 4.55
C MET A 238 9.96 17.54 3.51
N GLY A 239 8.72 17.15 3.30
CA GLY A 239 8.03 17.59 2.10
C GLY A 239 8.46 16.69 0.96
N TYR A 240 7.51 16.24 0.14
CA TYR A 240 7.71 15.12 -0.75
C TYR A 240 7.19 15.46 -2.14
N LYS A 241 7.33 14.51 -3.04
CA LYS A 241 6.71 14.58 -4.36
C LYS A 241 6.32 13.16 -4.77
N GLU A 242 5.99 12.99 -6.05
CA GLU A 242 5.43 11.71 -6.51
C GLU A 242 6.36 10.54 -6.22
N ASN A 243 7.66 10.71 -6.47
CA ASN A 243 8.54 9.56 -6.31
C ASN A 243 8.80 9.18 -4.84
N VAL A 244 8.02 9.71 -3.89
CA VAL A 244 8.09 9.21 -2.53
C VAL A 244 7.59 7.77 -2.48
N ASP A 245 6.69 7.39 -3.38
CA ASP A 245 6.19 6.02 -3.43
C ASP A 245 7.17 5.07 -4.11
N ILE A 246 8.13 5.59 -4.87
CA ILE A 246 9.13 4.75 -5.52
C ILE A 246 10.03 4.10 -4.48
N TRP A 247 10.33 4.82 -3.39
CA TRP A 247 11.12 4.23 -2.31
C TRP A 247 10.42 3.00 -1.74
N SER A 248 9.09 3.06 -1.58
CA SER A 248 8.37 1.93 -1.04
C SER A 248 8.42 0.74 -1.98
N VAL A 249 8.30 0.99 -3.28
CA VAL A 249 8.40 -0.10 -4.26
C VAL A 249 9.77 -0.75 -4.19
N GLY A 250 10.82 0.08 -4.07
CA GLY A 250 12.17 -0.47 -3.92
C GLY A 250 12.32 -1.32 -2.68
N CYS A 251 11.71 -0.89 -1.57
CA CYS A 251 11.75 -1.69 -0.35
C CYS A 251 11.06 -3.03 -0.56
N ILE A 252 9.93 -3.03 -1.25
CA ILE A 252 9.21 -4.27 -1.53
C ILE A 252 10.03 -5.15 -2.45
N MET A 253 10.49 -4.60 -3.58
CA MET A 253 11.27 -5.38 -4.53
C MET A 253 12.51 -5.97 -3.87
N GLY A 254 13.19 -5.18 -3.03
CA GLY A 254 14.37 -5.70 -2.35
C GLY A 254 14.04 -6.80 -1.36
N GLU A 255 12.89 -6.71 -0.71
CA GLU A 255 12.47 -7.77 0.19
C GLU A 255 12.10 -9.03 -0.58
N MET A 256 11.56 -8.88 -1.79
CA MET A 256 11.29 -10.06 -2.62
C MET A 256 12.57 -10.76 -3.01
N VAL A 257 13.66 -10.01 -3.17
CA VAL A 257 14.95 -10.61 -3.49
C VAL A 257 15.61 -11.19 -2.24
N ARG A 258 15.55 -10.48 -1.12
CA ARG A 258 16.31 -10.83 0.07
C ARG A 258 15.53 -11.66 1.07
N HIS A 259 14.20 -11.61 1.05
CA HIS A 259 13.35 -12.29 2.01
C HIS A 259 13.63 -11.81 3.43
N LYS A 260 13.92 -10.52 3.54
CA LYS A 260 14.13 -9.87 4.82
C LYS A 260 13.76 -8.41 4.66
N ILE A 261 13.15 -7.84 5.70
CA ILE A 261 12.84 -6.41 5.68
C ILE A 261 14.15 -5.64 5.56
N LEU A 262 14.22 -4.75 4.55
CA LEU A 262 15.47 -4.04 4.30
C LEU A 262 15.82 -3.12 5.45
N PHE A 263 14.85 -2.39 5.99
CA PHE A 263 15.10 -1.34 6.99
C PHE A 263 14.21 -1.53 8.20
N PRO A 264 14.44 -2.58 8.99
CA PRO A 264 13.63 -2.80 10.19
C PRO A 264 14.11 -1.95 11.36
N GLY A 265 13.24 -1.81 12.35
CA GLY A 265 13.58 -1.06 13.55
C GLY A 265 12.40 -0.77 14.44
N ARG A 266 12.65 -0.65 15.76
CA ARG A 266 11.58 -0.35 16.70
C ARG A 266 10.88 0.97 16.35
N ASP A 267 11.63 1.94 15.82
CA ASP A 267 11.08 3.23 15.46
C ASP A 267 12.02 3.89 14.46
N TYR A 268 11.76 5.17 14.15
CA TYR A 268 12.53 5.85 13.11
C TYR A 268 14.01 5.96 13.46
N ILE A 269 14.37 5.89 14.75
CA ILE A 269 15.77 5.96 15.13
C ILE A 269 16.53 4.75 14.58
N ASP A 270 16.04 3.55 14.88
CA ASP A 270 16.69 2.34 14.38
C ASP A 270 16.54 2.24 12.87
N GLN A 271 15.34 2.55 12.35
CA GLN A 271 15.09 2.47 10.92
C GLN A 271 16.07 3.34 10.14
N TRP A 272 16.32 4.56 10.63
CA TRP A 272 17.25 5.44 9.93
C TRP A 272 18.66 4.87 9.94
N ASN A 273 19.08 4.24 11.05
CA ASN A 273 20.40 3.64 11.11
C ASN A 273 20.58 2.58 10.02
N LYS A 274 19.56 1.75 9.81
CA LYS A 274 19.66 0.70 8.80
C LYS A 274 19.72 1.27 7.40
N VAL A 275 19.09 2.43 7.18
CA VAL A 275 19.15 3.06 5.86
C VAL A 275 20.57 3.55 5.57
N ILE A 276 21.17 4.27 6.52
CA ILE A 276 22.51 4.80 6.30
C ILE A 276 23.57 3.71 6.43
N GLU A 277 23.30 2.65 7.20
CA GLU A 277 24.26 1.56 7.31
C GLU A 277 24.49 0.89 5.97
N GLN A 278 23.42 0.71 5.19
CA GLN A 278 23.51 0.00 3.91
C GLN A 278 23.72 0.95 2.74
N LEU A 279 23.03 2.09 2.74
CA LEU A 279 23.09 3.01 1.61
C LEU A 279 24.11 4.14 1.80
N GLY A 280 24.57 4.36 3.02
CA GLY A 280 25.54 5.40 3.29
C GLY A 280 24.89 6.73 3.63
N THR A 281 25.70 7.61 4.21
CA THR A 281 25.23 8.95 4.52
C THR A 281 24.98 9.72 3.23
N PRO A 282 23.83 10.38 3.08
CA PRO A 282 23.55 11.10 1.84
C PRO A 282 24.48 12.29 1.66
N CYS A 283 24.49 12.79 0.42
CA CYS A 283 25.39 13.88 0.06
C CYS A 283 25.01 15.17 0.79
N PRO A 284 25.98 16.08 0.94
CA PRO A 284 25.67 17.38 1.58
C PRO A 284 24.52 18.12 0.92
N GLU A 285 24.26 17.88 -0.37
CA GLU A 285 23.13 18.52 -1.02
C GLU A 285 21.80 18.07 -0.43
N PHE A 286 21.65 16.76 -0.22
CA PHE A 286 20.42 16.22 0.35
C PHE A 286 20.12 16.85 1.71
N MET A 287 21.12 16.89 2.58
CA MET A 287 20.86 17.32 3.94
C MET A 287 20.65 18.83 4.02
N LYS A 288 21.18 19.60 3.06
CA LYS A 288 20.86 21.02 3.00
C LYS A 288 19.36 21.26 2.97
N LYS A 289 18.60 20.33 2.40
CA LYS A 289 17.14 20.46 2.27
C LYS A 289 16.39 20.03 3.54
N LEU A 290 17.08 19.84 4.65
CA LEU A 290 16.47 19.36 5.89
C LEU A 290 16.21 20.51 6.84
N GLN A 291 15.16 20.38 7.65
CA GLN A 291 14.87 21.36 8.67
C GLN A 291 16.00 21.36 9.71
N PRO A 292 16.31 22.53 10.29
CA PRO A 292 17.47 22.63 11.20
C PRO A 292 17.56 21.56 12.27
N THR A 293 16.46 21.20 12.93
CA THR A 293 16.52 20.23 14.01
C THR A 293 16.87 18.84 13.52
N VAL A 294 16.08 18.32 12.57
CA VAL A 294 16.41 17.04 11.95
C VAL A 294 17.80 17.10 11.34
N ARG A 295 18.18 18.26 10.78
CA ARG A 295 19.52 18.46 10.23
C ARG A 295 20.60 18.11 11.23
N ASN A 296 20.47 18.61 12.46
CA ASN A 296 21.49 18.39 13.47
C ASN A 296 21.58 16.91 13.85
N TYR A 297 20.42 16.25 13.98
CA TYR A 297 20.41 14.83 14.35
C TYR A 297 21.03 13.98 13.25
N VAL A 298 20.84 14.34 11.99
CA VAL A 298 21.31 13.52 10.88
C VAL A 298 22.77 13.82 10.57
N GLU A 299 23.16 15.10 10.64
CA GLU A 299 24.57 15.46 10.45
C GLU A 299 25.46 14.82 11.50
N ASN A 300 24.96 14.67 12.72
CA ASN A 300 25.74 14.12 13.82
C ASN A 300 25.66 12.60 13.92
N ARG A 301 24.90 11.94 13.05
CA ARG A 301 24.87 10.49 13.05
C ARG A 301 26.19 9.96 12.49
N PRO A 302 26.71 8.86 13.03
CA PRO A 302 28.00 8.33 12.56
C PRO A 302 28.02 8.12 11.05
N LYS A 303 29.03 8.69 10.41
CA LYS A 303 29.15 8.59 8.96
C LYS A 303 29.34 7.14 8.53
N TYR A 304 28.67 6.77 7.45
CA TYR A 304 28.76 5.42 6.89
C TYR A 304 29.11 5.52 5.42
N ALA A 305 30.06 4.67 4.99
CA ALA A 305 30.47 4.69 3.60
C ALA A 305 29.35 4.22 2.68
N GLY A 306 28.64 3.18 3.07
CA GLY A 306 27.57 2.64 2.26
C GLY A 306 28.03 1.57 1.30
N LEU A 307 27.42 0.40 1.37
CA LEU A 307 27.79 -0.71 0.50
C LEU A 307 27.20 -0.51 -0.90
N THR A 308 27.89 -1.10 -1.89
CA THR A 308 27.36 -1.06 -3.24
C THR A 308 26.26 -2.11 -3.40
N PHE A 309 25.53 -2.02 -4.50
CA PHE A 309 24.36 -2.87 -4.72
C PHE A 309 24.72 -4.30 -5.14
N PRO A 310 25.86 -4.55 -5.79
CA PRO A 310 26.31 -5.94 -5.90
C PRO A 310 26.46 -6.64 -4.56
N LYS A 311 26.99 -5.94 -3.55
CA LYS A 311 27.17 -6.57 -2.25
C LYS A 311 25.89 -6.52 -1.42
N LEU A 312 25.01 -5.55 -1.67
CA LEU A 312 23.73 -5.51 -0.98
C LEU A 312 22.84 -6.66 -1.43
N PHE A 313 22.86 -6.96 -2.73
CA PHE A 313 22.06 -8.03 -3.32
C PHE A 313 22.98 -8.88 -4.20
N PRO A 314 23.74 -9.79 -3.62
CA PRO A 314 24.65 -10.62 -4.41
C PRO A 314 23.89 -11.48 -5.42
N ASP A 315 24.63 -11.92 -6.45
CA ASP A 315 24.04 -12.76 -7.49
C ASP A 315 23.50 -14.07 -6.93
N SER A 316 23.87 -14.44 -5.71
CA SER A 316 23.34 -15.64 -5.09
C SER A 316 21.84 -15.54 -4.88
N LEU A 317 21.31 -14.33 -4.69
CA LEU A 317 19.89 -14.15 -4.43
C LEU A 317 19.04 -14.19 -5.70
N PHE A 318 19.65 -14.10 -6.88
CA PHE A 318 18.90 -14.14 -8.12
C PHE A 318 19.14 -15.45 -8.85
N PRO A 319 18.16 -15.91 -9.63
CA PRO A 319 18.46 -16.99 -10.59
C PRO A 319 19.39 -16.49 -11.68
N ALA A 320 20.43 -17.26 -11.95
CA ALA A 320 21.42 -16.86 -12.96
C ALA A 320 22.15 -18.07 -13.51
N ASP A 321 21.42 -19.16 -13.75
CA ASP A 321 21.99 -20.35 -14.36
C ASP A 321 21.92 -20.34 -15.88
N SER A 322 21.13 -19.43 -16.46
CA SER A 322 21.02 -19.26 -17.89
C SER A 322 21.41 -17.83 -18.27
N GLU A 323 21.55 -17.60 -19.57
CA GLU A 323 21.96 -16.27 -20.03
C GLU A 323 20.83 -15.25 -19.86
N HIS A 324 19.59 -15.67 -20.09
CA HIS A 324 18.46 -14.77 -19.88
C HIS A 324 18.39 -14.31 -18.44
N ASN A 325 18.54 -15.25 -17.49
CA ASN A 325 18.50 -14.90 -16.08
C ASN A 325 19.70 -14.06 -15.68
N LYS A 326 20.86 -14.32 -16.28
CA LYS A 326 22.04 -13.49 -15.99
C LYS A 326 21.77 -12.03 -16.32
N LEU A 327 21.18 -11.77 -17.50
CA LEU A 327 20.91 -10.39 -17.89
C LEU A 327 19.81 -9.77 -17.03
N LYS A 328 18.74 -10.52 -16.76
CA LYS A 328 17.65 -9.97 -15.95
C LYS A 328 18.10 -9.68 -14.53
N ALA A 329 19.08 -10.43 -14.01
CA ALA A 329 19.59 -10.16 -12.67
C ALA A 329 20.25 -8.78 -12.60
N SER A 330 21.12 -8.48 -13.56
CA SER A 330 21.77 -7.17 -13.59
C SER A 330 20.77 -6.05 -13.83
N GLN A 331 19.73 -6.31 -14.64
CA GLN A 331 18.67 -5.33 -14.81
C GLN A 331 17.91 -5.12 -13.50
N ALA A 332 17.54 -6.21 -12.83
CA ALA A 332 16.83 -6.10 -11.56
C ALA A 332 17.66 -5.33 -10.54
N ARG A 333 18.95 -5.64 -10.45
CA ARG A 333 19.81 -4.91 -9.51
C ARG A 333 19.99 -3.46 -9.92
N ASP A 334 19.97 -3.19 -11.23
CA ASP A 334 20.13 -1.81 -11.69
C ASP A 334 18.95 -0.94 -11.28
N LEU A 335 17.72 -1.47 -11.44
CA LEU A 335 16.55 -0.71 -11.04
C LEU A 335 16.51 -0.48 -9.55
N LEU A 336 16.83 -1.51 -8.77
CA LEU A 336 16.92 -1.39 -7.32
C LEU A 336 17.80 -0.21 -6.92
N SER A 337 18.95 -0.06 -7.59
CA SER A 337 19.89 1.00 -7.27
C SER A 337 19.36 2.38 -7.64
N LYS A 338 18.38 2.46 -8.53
CA LYS A 338 17.78 3.73 -8.89
C LYS A 338 16.54 4.06 -8.06
N MET A 339 16.00 3.07 -7.36
CA MET A 339 14.85 3.24 -6.49
C MET A 339 15.23 3.45 -5.03
N LEU A 340 16.23 2.71 -4.55
CA LEU A 340 16.67 2.80 -3.16
C LEU A 340 17.71 3.91 -2.99
N VAL A 341 17.29 5.12 -3.34
CA VAL A 341 18.13 6.31 -3.27
C VAL A 341 17.56 7.22 -2.19
N ILE A 342 18.41 7.64 -1.26
CA ILE A 342 17.96 8.45 -0.14
C ILE A 342 17.46 9.80 -0.62
N ASP A 343 18.27 10.49 -1.42
CA ASP A 343 17.91 11.80 -1.93
C ASP A 343 16.80 11.68 -2.97
N PRO A 344 15.60 12.23 -2.72
CA PRO A 344 14.54 12.14 -3.74
C PRO A 344 14.89 12.85 -5.03
N ALA A 345 15.83 13.80 -5.02
CA ALA A 345 16.22 14.45 -6.27
C ALA A 345 17.04 13.53 -7.15
N LYS A 346 17.73 12.56 -6.57
CA LYS A 346 18.48 11.56 -7.31
C LYS A 346 17.73 10.25 -7.48
N ARG A 347 16.46 10.21 -7.06
CA ARG A 347 15.66 9.00 -7.13
C ARG A 347 14.90 8.94 -8.45
N ILE A 348 14.83 7.74 -9.04
CA ILE A 348 14.14 7.56 -10.31
C ILE A 348 12.66 7.80 -10.13
N SER A 349 12.02 8.32 -11.18
CA SER A 349 10.59 8.61 -11.14
C SER A 349 9.78 7.40 -11.55
N VAL A 350 8.45 7.50 -11.37
CA VAL A 350 7.54 6.42 -11.77
C VAL A 350 7.62 6.19 -13.28
N ASP A 351 7.54 7.27 -14.06
CA ASP A 351 7.54 7.14 -15.52
C ASP A 351 8.86 6.58 -16.02
N ASP A 352 9.98 7.00 -15.43
CA ASP A 352 11.28 6.47 -15.84
C ASP A 352 11.42 5.01 -15.47
N ALA A 353 10.93 4.63 -14.29
CA ALA A 353 10.99 3.22 -13.89
C ALA A 353 10.06 2.36 -14.75
N LEU A 354 8.94 2.94 -15.21
CA LEU A 354 8.07 2.19 -16.12
C LEU A 354 8.73 1.95 -17.46
N GLN A 355 9.74 2.74 -17.82
CA GLN A 355 10.50 2.58 -19.05
C GLN A 355 11.84 1.89 -18.81
N HIS A 356 11.99 1.19 -17.69
CA HIS A 356 13.21 0.46 -17.39
C HIS A 356 13.19 -0.91 -18.07
N PRO A 357 14.32 -1.38 -18.59
CA PRO A 357 14.33 -2.66 -19.32
C PRO A 357 13.79 -3.82 -18.51
N TYR A 358 14.00 -3.84 -17.19
CA TYR A 358 13.42 -4.89 -16.37
C TYR A 358 11.90 -4.79 -16.30
N ILE A 359 11.32 -3.62 -16.56
CA ILE A 359 9.91 -3.37 -16.35
C ILE A 359 9.15 -3.27 -17.67
N ASN A 360 9.71 -2.58 -18.67
CA ASN A 360 8.93 -2.18 -19.84
C ASN A 360 8.54 -3.35 -20.75
N VAL A 361 8.94 -4.58 -20.42
CA VAL A 361 8.55 -5.73 -21.24
C VAL A 361 7.06 -6.02 -21.17
N TRP A 362 6.33 -5.34 -20.28
CA TRP A 362 4.89 -5.54 -20.12
C TRP A 362 4.06 -4.37 -20.65
N TYR A 363 4.72 -3.34 -21.18
CA TYR A 363 4.01 -2.16 -21.67
C TYR A 363 3.06 -2.52 -22.80
N ASP A 364 1.87 -1.93 -22.77
CA ASP A 364 0.83 -2.13 -23.77
C ASP A 364 0.15 -0.78 -24.00
N PRO A 365 -0.30 -0.50 -25.25
CA PRO A 365 -0.94 0.79 -25.55
C PRO A 365 -1.92 1.28 -24.49
N ALA A 366 -3.06 0.60 -24.34
CA ALA A 366 -4.05 0.95 -23.33
C ALA A 366 -3.87 0.01 -22.14
N GLU A 367 -3.18 0.50 -21.11
CA GLU A 367 -2.94 -0.30 -19.91
C GLU A 367 -2.82 0.60 -18.68
N VAL A 368 -2.69 1.91 -18.91
CA VAL A 368 -2.68 2.89 -17.85
C VAL A 368 -3.44 4.12 -18.37
N GLU A 369 -4.21 3.90 -19.44
CA GLU A 369 -4.92 4.98 -20.12
C GLU A 369 -6.37 5.06 -19.63
N ALA A 370 -6.51 5.54 -18.40
CA ALA A 370 -7.82 5.75 -17.78
C ALA A 370 -7.77 7.02 -16.94
N PRO A 371 -7.99 8.18 -17.55
CA PRO A 371 -7.92 9.44 -16.81
C PRO A 371 -8.99 9.47 -15.72
N PRO A 372 -8.80 10.30 -14.69
CA PRO A 372 -9.79 10.39 -13.61
C PRO A 372 -11.17 10.75 -14.15
N PRO A 373 -12.17 9.88 -13.95
CA PRO A 373 -13.54 10.10 -14.41
C PRO A 373 -14.23 11.24 -13.66
N GLN A 379 -16.14 16.21 -1.99
CA GLN A 379 -15.33 16.31 -3.18
C GLN A 379 -13.85 16.47 -2.82
N LEU A 380 -13.58 16.96 -1.62
CA LEU A 380 -12.23 17.20 -1.16
C LEU A 380 -12.11 16.79 0.31
N ASP A 381 -10.89 16.80 0.81
CA ASP A 381 -10.65 16.53 2.22
C ASP A 381 -11.19 17.65 3.08
N GLU A 382 -11.44 17.34 4.35
CA GLU A 382 -12.03 18.29 5.29
C GLU A 382 -11.01 18.64 6.38
N ARG A 383 -11.52 19.08 7.53
CA ARG A 383 -10.66 19.55 8.62
C ARG A 383 -11.01 18.85 9.92
N GLU A 384 -11.24 19.63 10.98
CA GLU A 384 -11.56 19.10 12.29
C GLU A 384 -13.08 18.99 12.43
N HIS A 385 -13.55 17.76 12.62
CA HIS A 385 -14.96 17.48 12.88
C HIS A 385 -15.07 16.73 14.19
N THR A 386 -16.29 16.72 14.73
CA THR A 386 -16.57 15.99 15.95
C THR A 386 -17.09 14.59 15.59
N ILE A 387 -17.32 13.77 16.63
CA ILE A 387 -17.86 12.43 16.40
C ILE A 387 -19.21 12.51 15.72
N GLU A 388 -20.09 13.40 16.21
CA GLU A 388 -21.41 13.57 15.61
C GLU A 388 -21.31 13.96 14.14
N GLU A 389 -20.35 14.82 13.79
CA GLU A 389 -20.24 15.29 12.42
C GLU A 389 -19.64 14.24 11.51
N TRP A 390 -18.65 13.48 12.00
CA TRP A 390 -18.06 12.42 11.20
C TRP A 390 -19.06 11.31 10.93
N LYS A 391 -19.91 11.00 11.91
CA LYS A 391 -20.96 10.01 11.70
C LYS A 391 -21.87 10.40 10.55
N GLU A 392 -22.35 11.65 10.57
CA GLU A 392 -23.24 12.11 9.51
C GLU A 392 -22.54 12.14 8.16
N LEU A 393 -21.29 12.61 8.12
CA LEU A 393 -20.54 12.64 6.87
C LEU A 393 -20.36 11.24 6.30
N ILE A 394 -19.97 10.29 7.15
CA ILE A 394 -19.76 8.92 6.70
C ILE A 394 -21.07 8.28 6.29
N TYR A 395 -22.13 8.51 7.08
CA TYR A 395 -23.43 7.92 6.78
C TYR A 395 -23.96 8.40 5.43
N LYS A 396 -23.75 9.68 5.11
CA LYS A 396 -24.21 10.20 3.83
C LYS A 396 -23.48 9.53 2.68
N GLU A 397 -22.17 9.37 2.79
CA GLU A 397 -21.40 8.73 1.73
C GLU A 397 -21.84 7.29 1.52
N VAL A 398 -22.20 6.59 2.59
CA VAL A 398 -22.68 5.22 2.48
C VAL A 398 -24.01 5.20 1.72
N MET A 399 -24.95 6.06 2.11
CA MET A 399 -26.28 6.03 1.52
C MET A 399 -26.35 6.75 0.18
N ASN A 400 -25.44 7.68 -0.08
CA ASN A 400 -25.46 8.53 -1.26
C ASN A 400 -26.78 9.30 -1.38
#